data_3F0Z
#
_entry.id   3F0Z
#
_cell.length_a   61.350
_cell.length_b   61.350
_cell.length_c   158.900
_cell.angle_alpha   90.000
_cell.angle_beta   90.000
_cell.angle_gamma   90.000
#
_symmetry.space_group_name_H-M   'P 41 21 2'
#
loop_
_entity.id
_entity.type
_entity.pdbx_description
1 polymer 8-oxoguanine-DNA-glycosylase
2 non-polymer GLYCEROL
3 water water
#
_entity_poly.entity_id   1
_entity_poly.type   'polypeptide(L)'
_entity_poly.pdbx_seq_one_letter_code
;(MSE)DFD(MSE)IEEKKDSVIVRNVENFELKDIFDCGQCFRWHRQENGNYIGIAFEKVVEVQKIGEDVVIYNINEEEFK
NVWSEYFDLYRDYGEIKKELSRDPLLKKSVDFGEGIRILRQDPFEILLSFIISANNRIP(MSE)IKKCINNISEKAGKKL
EYKGKIYYAFPTVDKLHEFTEKDFEECTAGFRAKYLKDTVDRIYNGELNLEYIKSLNDNECHEELKKF(MSE)GVGPKVA
DCI(MSE)LFS(MSE)QKYSAFPVDTWVKKA(MSE)(MSE)SLYVAPDVSLKKIRDFGREKFGSLSGFAQQYLFYYAREN
NIGL
;
_entity_poly.pdbx_strand_id   A
#
# COMPACT_ATOMS: atom_id res chain seq x y z
N ASP A 2 13.36 3.57 -13.45
CA ASP A 2 12.43 3.09 -14.45
C ASP A 2 11.70 4.20 -15.21
N PHE A 3 12.43 5.26 -15.51
CA PHE A 3 11.91 6.37 -16.29
C PHE A 3 13.10 7.15 -16.83
N ASP A 4 12.91 7.86 -17.93
CA ASP A 4 13.99 8.60 -18.55
C ASP A 4 14.17 10.03 -18.06
N ILE A 6 11.55 13.85 -16.72
CA ILE A 6 10.22 14.43 -16.55
C ILE A 6 10.20 15.81 -17.19
N GLU A 7 9.00 16.26 -17.52
CA GLU A 7 8.79 17.57 -18.12
C GLU A 7 7.67 18.20 -17.31
N GLU A 8 7.93 19.37 -16.74
CA GLU A 8 6.93 20.05 -15.95
C GLU A 8 5.99 20.82 -16.87
N LYS A 9 4.68 20.67 -16.64
CA LYS A 9 3.69 21.39 -17.44
C LYS A 9 2.93 22.33 -16.50
N LYS A 10 1.94 23.03 -17.06
CA LYS A 10 1.14 23.99 -16.28
C LYS A 10 0.67 23.46 -14.92
N ASP A 11 -0.22 22.46 -14.95
CA ASP A 11 -0.74 21.91 -13.72
C ASP A 11 -0.43 20.42 -13.61
N SER A 12 0.71 20.02 -14.15
CA SER A 12 1.07 18.61 -14.11
C SER A 12 2.53 18.37 -14.44
N VAL A 13 2.93 17.12 -14.29
CA VAL A 13 4.27 16.67 -14.58
C VAL A 13 4.14 15.43 -15.46
N ILE A 14 4.91 15.37 -16.53
CA ILE A 14 4.88 14.22 -17.41
C ILE A 14 6.15 13.40 -17.19
N VAL A 15 6.00 12.15 -16.79
CA VAL A 15 7.14 11.28 -16.58
C VAL A 15 7.35 10.59 -17.92
N ARG A 16 8.45 10.92 -18.60
CA ARG A 16 8.72 10.37 -19.92
C ARG A 16 9.34 9.00 -19.95
N ASN A 17 8.80 8.16 -20.84
CA ASN A 17 9.28 6.81 -21.07
C ASN A 17 9.53 5.98 -19.82
N VAL A 18 8.45 5.64 -19.12
N VAL A 18 8.46 5.66 -19.13
CA VAL A 18 8.53 4.83 -17.92
CA VAL A 18 8.54 4.85 -17.92
C VAL A 18 8.57 3.35 -18.30
C VAL A 18 8.55 3.37 -18.28
N GLU A 19 9.11 2.53 -17.41
CA GLU A 19 9.20 1.09 -17.63
C GLU A 19 8.56 0.37 -16.45
N ASN A 20 7.96 -0.79 -16.72
CA ASN A 20 7.35 -1.57 -15.64
C ASN A 20 6.40 -0.67 -14.86
N PHE A 21 5.46 -0.07 -15.57
CA PHE A 21 4.53 0.85 -14.94
C PHE A 21 3.18 0.86 -15.65
N GLU A 22 2.18 0.19 -15.05
CA GLU A 22 0.83 0.14 -15.62
C GLU A 22 -0.13 0.50 -14.48
N LEU A 23 -1.03 1.44 -14.75
CA LEU A 23 -1.97 1.92 -13.74
C LEU A 23 -2.81 0.85 -13.05
N LYS A 24 -3.48 0.02 -13.83
CA LYS A 24 -4.31 -1.02 -13.23
C LYS A 24 -3.48 -1.96 -12.35
N ASP A 25 -2.30 -2.33 -12.81
CA ASP A 25 -1.42 -3.24 -12.07
C ASP A 25 -1.01 -2.64 -10.72
N ILE A 26 -0.73 -1.35 -10.72
CA ILE A 26 -0.31 -0.67 -9.50
C ILE A 26 -1.45 -0.41 -8.52
N PHE A 27 -2.52 0.22 -9.02
CA PHE A 27 -3.64 0.60 -8.19
C PHE A 27 -4.70 -0.46 -7.89
N ASP A 28 -4.72 -1.55 -8.66
CA ASP A 28 -5.72 -2.58 -8.42
C ASP A 28 -5.19 -3.93 -7.93
N CYS A 29 -3.95 -3.97 -7.46
CA CYS A 29 -3.39 -5.23 -6.97
C CYS A 29 -3.60 -5.43 -5.47
N GLY A 30 -4.43 -4.58 -4.86
CA GLY A 30 -4.74 -4.70 -3.44
C GLY A 30 -3.83 -4.05 -2.42
N GLN A 31 -2.87 -3.23 -2.86
CA GLN A 31 -1.95 -2.58 -1.93
C GLN A 31 -2.39 -1.21 -1.43
N CYS A 32 -3.38 -0.60 -2.07
CA CYS A 32 -3.84 0.72 -1.65
C CYS A 32 -5.36 0.79 -1.59
N PHE A 33 -5.87 1.78 -0.86
CA PHE A 33 -7.31 1.92 -0.70
C PHE A 33 -7.92 3.24 -1.18
N ARG A 34 -7.10 4.30 -1.29
CA ARG A 34 -7.64 5.59 -1.69
C ARG A 34 -7.48 5.96 -3.16
N TRP A 35 -7.33 4.95 -4.01
CA TRP A 35 -7.20 5.18 -5.45
C TRP A 35 -8.32 4.42 -6.16
N HIS A 36 -8.79 4.97 -7.26
CA HIS A 36 -9.80 4.27 -8.04
C HIS A 36 -9.84 4.81 -9.45
N ARG A 37 -10.15 3.92 -10.38
CA ARG A 37 -10.22 4.24 -11.81
C ARG A 37 -11.44 5.07 -12.12
N GLN A 38 -11.24 6.16 -12.86
CA GLN A 38 -12.35 7.01 -13.25
C GLN A 38 -12.93 6.56 -14.58
N GLU A 39 -14.12 7.03 -14.88
CA GLU A 39 -14.82 6.70 -16.12
C GLU A 39 -13.92 6.87 -17.34
N ASN A 40 -13.07 7.90 -17.33
CA ASN A 40 -12.18 8.16 -18.46
C ASN A 40 -10.89 7.32 -18.51
N GLY A 41 -10.68 6.47 -17.51
CA GLY A 41 -9.49 5.65 -17.53
C GLY A 41 -8.36 6.13 -16.64
N ASN A 42 -8.41 7.40 -16.24
CA ASN A 42 -7.38 7.94 -15.37
C ASN A 42 -7.68 7.46 -13.95
N TYR A 43 -6.67 7.44 -13.11
CA TYR A 43 -6.87 7.06 -11.73
C TYR A 43 -6.73 8.31 -10.88
N ILE A 44 -7.53 8.39 -9.83
CA ILE A 44 -7.46 9.53 -8.92
C ILE A 44 -7.31 8.99 -7.51
N GLY A 45 -6.44 9.63 -6.74
CA GLY A 45 -6.21 9.18 -5.37
C GLY A 45 -5.84 10.29 -4.43
N ILE A 46 -5.81 9.95 -3.14
CA ILE A 46 -5.48 10.91 -2.10
C ILE A 46 -4.35 10.33 -1.26
N ALA A 47 -3.21 11.00 -1.27
CA ALA A 47 -2.05 10.54 -0.53
C ALA A 47 -1.22 11.75 -0.17
N PHE A 48 -0.54 11.66 0.97
CA PHE A 48 0.30 12.76 1.44
C PHE A 48 -0.44 14.11 1.35
N GLU A 49 -1.67 14.11 1.86
CA GLU A 49 -2.52 15.30 1.92
C GLU A 49 -2.64 16.00 0.57
N LYS A 50 -2.76 15.21 -0.48
CA LYS A 50 -2.85 15.76 -1.83
C LYS A 50 -3.77 14.92 -2.70
N VAL A 51 -4.50 15.57 -3.60
CA VAL A 51 -5.37 14.84 -4.53
C VAL A 51 -4.53 14.76 -5.80
N VAL A 52 -4.33 13.54 -6.30
CA VAL A 52 -3.53 13.36 -7.50
C VAL A 52 -4.27 12.56 -8.56
N GLU A 53 -4.05 12.91 -9.82
CA GLU A 53 -4.68 12.20 -10.92
C GLU A 53 -3.55 11.66 -11.80
N VAL A 54 -3.65 10.40 -12.19
CA VAL A 54 -2.62 9.78 -13.00
C VAL A 54 -3.16 9.21 -14.30
N GLN A 55 -2.45 9.45 -15.39
CA GLN A 55 -2.85 8.94 -16.68
C GLN A 55 -1.66 8.47 -17.48
N LYS A 56 -1.79 7.33 -18.16
CA LYS A 56 -0.68 6.87 -18.98
C LYS A 56 -1.04 7.06 -20.45
N ILE A 57 -0.12 7.68 -21.19
CA ILE A 57 -0.30 7.93 -22.60
C ILE A 57 0.90 7.31 -23.30
N GLY A 58 0.69 6.18 -23.96
CA GLY A 58 1.79 5.53 -24.63
C GLY A 58 2.85 5.09 -23.63
N GLU A 59 4.06 5.63 -23.77
CA GLU A 59 5.16 5.27 -22.87
C GLU A 59 5.33 6.24 -21.70
N ASP A 60 4.50 7.27 -21.65
CA ASP A 60 4.61 8.27 -20.60
C ASP A 60 3.48 8.25 -19.57
N VAL A 61 3.78 8.75 -18.37
CA VAL A 61 2.80 8.81 -17.31
C VAL A 61 2.60 10.27 -16.93
N VAL A 62 1.36 10.74 -16.99
CA VAL A 62 1.08 12.12 -16.63
C VAL A 62 0.54 12.17 -15.20
N ILE A 63 1.19 12.94 -14.35
CA ILE A 63 0.74 13.09 -12.96
C ILE A 63 0.18 14.50 -12.80
N TYR A 64 -1.13 14.59 -12.70
CA TYR A 64 -1.80 15.88 -12.56
C TYR A 64 -1.81 16.38 -11.13
N ASN A 65 -1.75 17.70 -11.02
CA ASN A 65 -1.79 18.39 -9.74
C ASN A 65 -0.49 18.43 -8.93
N ILE A 66 0.64 18.22 -9.60
CA ILE A 66 1.93 18.30 -8.91
C ILE A 66 2.91 19.01 -9.85
N ASN A 67 3.99 19.52 -9.27
CA ASN A 67 5.03 20.19 -10.05
C ASN A 67 6.33 19.39 -9.94
N GLU A 68 7.40 19.90 -10.54
CA GLU A 68 8.67 19.18 -10.52
C GLU A 68 9.23 18.97 -9.12
N GLU A 69 9.18 20.00 -8.28
CA GLU A 69 9.67 19.88 -6.91
C GLU A 69 8.98 18.77 -6.15
N GLU A 70 7.65 18.72 -6.25
CA GLU A 70 6.86 17.71 -5.56
C GLU A 70 7.18 16.32 -6.11
N PHE A 71 7.48 16.24 -7.40
CA PHE A 71 7.83 14.94 -7.98
C PHE A 71 9.16 14.49 -7.39
N LYS A 72 10.13 15.40 -7.31
CA LYS A 72 11.43 15.07 -6.75
C LYS A 72 11.37 14.68 -5.29
N ASN A 73 10.61 15.44 -4.50
CA ASN A 73 10.52 15.21 -3.06
C ASN A 73 9.52 14.16 -2.61
N VAL A 74 8.42 13.99 -3.33
CA VAL A 74 7.40 13.05 -2.88
C VAL A 74 6.97 11.94 -3.84
N TRP A 75 6.56 12.31 -5.04
CA TRP A 75 6.02 11.34 -5.98
C TRP A 75 6.96 10.37 -6.67
N SER A 76 8.20 10.76 -6.93
CA SER A 76 9.14 9.83 -7.58
C SER A 76 9.35 8.67 -6.60
N GLU A 77 9.38 8.98 -5.31
CA GLU A 77 9.56 7.96 -4.27
C GLU A 77 8.29 7.16 -4.07
N TYR A 78 7.16 7.84 -4.07
CA TYR A 78 5.86 7.18 -3.88
C TYR A 78 5.73 6.03 -4.88
N PHE A 79 6.07 6.30 -6.13
CA PHE A 79 5.96 5.28 -7.17
C PHE A 79 7.19 4.38 -7.30
N ASP A 80 8.10 4.50 -6.34
CA ASP A 80 9.31 3.68 -6.28
C ASP A 80 10.03 3.68 -7.63
N LEU A 81 10.08 4.84 -8.26
CA LEU A 81 10.69 4.98 -9.59
C LEU A 81 12.21 4.79 -9.70
N TYR A 82 12.92 4.71 -8.58
CA TYR A 82 14.36 4.52 -8.64
C TYR A 82 14.75 3.04 -8.51
N ARG A 83 13.77 2.17 -8.34
CA ARG A 83 14.00 0.73 -8.24
C ARG A 83 13.83 0.12 -9.63
N ASP A 84 14.77 -0.76 -10.00
CA ASP A 84 14.72 -1.42 -11.30
C ASP A 84 13.85 -2.67 -11.22
N TYR A 85 12.60 -2.56 -11.64
CA TYR A 85 11.71 -3.70 -11.57
C TYR A 85 12.00 -4.76 -12.64
N GLY A 86 12.75 -4.39 -13.66
CA GLY A 86 13.09 -5.35 -14.68
C GLY A 86 13.98 -6.40 -14.04
N GLU A 87 14.81 -5.96 -13.11
CA GLU A 87 15.73 -6.83 -12.41
C GLU A 87 14.97 -7.70 -11.41
N ILE A 88 13.98 -7.12 -10.72
CA ILE A 88 13.18 -7.89 -9.77
C ILE A 88 12.49 -9.03 -10.51
N LYS A 89 11.84 -8.71 -11.62
CA LYS A 89 11.13 -9.71 -12.41
C LYS A 89 12.04 -10.79 -12.97
N LYS A 90 13.27 -10.42 -13.30
CA LYS A 90 14.23 -11.37 -13.84
C LYS A 90 14.54 -12.40 -12.75
N GLU A 91 14.82 -11.90 -11.55
CA GLU A 91 15.15 -12.76 -10.42
C GLU A 91 13.99 -13.70 -10.07
N LEU A 92 12.76 -13.18 -10.07
CA LEU A 92 11.59 -13.99 -9.74
C LEU A 92 11.31 -15.03 -10.82
N SER A 93 11.75 -14.73 -12.04
CA SER A 93 11.53 -15.64 -13.15
C SER A 93 12.23 -16.97 -13.02
N ARG A 94 13.00 -17.16 -11.96
CA ARG A 94 13.68 -18.43 -11.75
C ARG A 94 12.65 -19.46 -11.33
N ASP A 95 11.41 -18.99 -11.13
CA ASP A 95 10.28 -19.84 -10.77
C ASP A 95 9.35 -19.71 -11.97
N PRO A 96 8.97 -20.86 -12.57
CA PRO A 96 8.08 -20.87 -13.74
C PRO A 96 6.75 -20.13 -13.61
N LEU A 97 6.05 -20.29 -12.50
CA LEU A 97 4.77 -19.62 -12.34
C LEU A 97 4.97 -18.11 -12.11
N LEU A 98 6.02 -17.74 -11.38
CA LEU A 98 6.28 -16.32 -11.15
C LEU A 98 6.58 -15.68 -12.50
N LYS A 99 7.34 -16.38 -13.34
CA LYS A 99 7.66 -15.84 -14.65
C LYS A 99 6.34 -15.57 -15.37
N LYS A 100 5.44 -16.54 -15.33
CA LYS A 100 4.13 -16.39 -15.97
C LYS A 100 3.39 -15.20 -15.36
N SER A 101 3.56 -15.01 -14.06
CA SER A 101 2.89 -13.91 -13.33
C SER A 101 3.47 -12.55 -13.65
N VAL A 102 4.80 -12.42 -13.67
CA VAL A 102 5.41 -11.12 -13.97
C VAL A 102 5.11 -10.69 -15.40
N ASP A 103 4.91 -11.65 -16.29
CA ASP A 103 4.58 -11.30 -17.67
C ASP A 103 3.18 -10.72 -17.72
N PHE A 104 2.28 -11.25 -16.89
CA PHE A 104 0.91 -10.78 -16.84
C PHE A 104 0.78 -9.41 -16.16
N GLY A 105 1.33 -9.29 -14.96
CA GLY A 105 1.27 -8.03 -14.23
C GLY A 105 2.61 -7.36 -14.36
N GLU A 106 3.00 -7.10 -15.60
CA GLU A 106 4.30 -6.50 -15.87
C GLU A 106 4.48 -5.07 -15.37
N GLY A 107 3.38 -4.36 -15.12
CA GLY A 107 3.50 -2.99 -14.66
C GLY A 107 3.30 -2.78 -13.17
N ILE A 108 3.44 -3.84 -12.39
CA ILE A 108 3.28 -3.72 -10.95
C ILE A 108 4.49 -3.03 -10.30
N ARG A 109 4.21 -2.18 -9.32
CA ARG A 109 5.24 -1.49 -8.58
C ARG A 109 4.70 -1.40 -7.15
N ILE A 110 5.55 -1.56 -6.15
CA ILE A 110 5.08 -1.45 -4.76
C ILE A 110 5.25 -0.01 -4.33
N LEU A 111 4.14 0.67 -4.09
CA LEU A 111 4.16 2.07 -3.68
C LEU A 111 4.79 2.25 -2.30
N ARG A 112 5.39 3.42 -2.06
CA ARG A 112 5.99 3.73 -0.76
C ARG A 112 4.99 4.64 -0.07
N GLN A 113 4.05 4.03 0.64
CA GLN A 113 3.00 4.77 1.31
C GLN A 113 3.32 5.18 2.73
N ASP A 114 2.52 6.09 3.25
CA ASP A 114 2.72 6.60 4.60
C ASP A 114 2.44 5.57 5.68
N PRO A 115 3.44 5.31 6.54
CA PRO A 115 3.30 4.33 7.63
C PRO A 115 2.05 4.51 8.49
N PHE A 116 1.78 5.73 8.95
CA PHE A 116 0.61 5.96 9.79
C PHE A 116 -0.72 5.60 9.11
N GLU A 117 -0.93 6.11 7.90
CA GLU A 117 -2.17 5.82 7.17
C GLU A 117 -2.31 4.33 6.89
N ILE A 118 -1.20 3.69 6.55
CA ILE A 118 -1.18 2.27 6.24
C ILE A 118 -1.48 1.44 7.50
N LEU A 119 -0.89 1.82 8.62
CA LEU A 119 -1.11 1.12 9.88
C LEU A 119 -2.62 1.06 10.16
N LEU A 120 -3.28 2.22 10.18
CA LEU A 120 -4.71 2.27 10.42
C LEU A 120 -5.55 1.63 9.31
N SER A 121 -5.18 1.89 8.06
CA SER A 121 -5.92 1.33 6.94
C SER A 121 -5.95 -0.20 6.96
N PHE A 122 -4.81 -0.83 7.21
CA PHE A 122 -4.82 -2.29 7.22
C PHE A 122 -5.38 -2.92 8.49
N ILE A 123 -5.46 -2.15 9.57
CA ILE A 123 -6.09 -2.69 10.79
C ILE A 123 -7.57 -2.75 10.40
N ILE A 124 -8.03 -1.72 9.71
CA ILE A 124 -9.42 -1.64 9.24
C ILE A 124 -9.72 -2.76 8.23
N SER A 125 -8.71 -3.13 7.46
CA SER A 125 -8.88 -4.16 6.42
C SER A 125 -9.09 -5.58 6.92
N ALA A 126 -8.69 -5.85 8.17
CA ALA A 126 -8.82 -7.19 8.73
C ALA A 126 -10.23 -7.77 8.57
N ASN A 127 -10.33 -8.92 7.91
CA ASN A 127 -11.59 -9.60 7.67
C ASN A 127 -12.66 -8.62 7.22
N ASN A 128 -12.29 -7.74 6.29
CA ASN A 128 -13.21 -6.70 5.81
C ASN A 128 -13.25 -6.67 4.28
N ARG A 129 -14.26 -6.01 3.72
CA ARG A 129 -14.41 -5.87 2.27
C ARG A 129 -13.93 -4.50 1.85
N ILE A 130 -13.32 -4.41 0.67
CA ILE A 130 -12.80 -3.15 0.16
C ILE A 130 -13.78 -1.99 0.23
N PRO A 131 -15.03 -2.18 -0.20
CA PRO A 131 -15.99 -1.06 -0.13
C PRO A 131 -16.12 -0.52 1.29
N ILE A 133 -13.84 -0.79 3.68
CA ILE A 133 -12.56 -0.22 4.09
C ILE A 133 -12.49 1.22 3.58
N LYS A 134 -12.84 1.42 2.31
CA LYS A 134 -12.81 2.76 1.73
C LYS A 134 -13.77 3.67 2.50
N LYS A 135 -14.97 3.16 2.77
CA LYS A 135 -15.97 3.92 3.50
C LYS A 135 -15.45 4.39 4.85
N CYS A 136 -14.86 3.47 5.62
CA CYS A 136 -14.34 3.81 6.94
C CYS A 136 -13.24 4.85 6.83
N ILE A 137 -12.31 4.65 5.90
CA ILE A 137 -11.21 5.60 5.70
C ILE A 137 -11.78 6.97 5.30
N ASN A 138 -12.77 6.99 4.42
CA ASN A 138 -13.40 8.23 3.99
C ASN A 138 -14.10 8.95 5.15
N ASN A 139 -14.88 8.20 5.93
CA ASN A 139 -15.58 8.79 7.06
C ASN A 139 -14.61 9.44 8.03
N ILE A 140 -13.55 8.71 8.38
CA ILE A 140 -12.54 9.20 9.30
C ILE A 140 -11.87 10.47 8.78
N SER A 141 -11.58 10.49 7.48
CA SER A 141 -10.93 11.64 6.86
C SER A 141 -11.83 12.86 6.77
N GLU A 142 -13.09 12.64 6.43
CA GLU A 142 -14.03 13.74 6.33
C GLU A 142 -14.24 14.39 7.70
N LYS A 143 -14.22 13.57 8.74
N LYS A 143 -14.20 13.50 8.74
CA LYS A 143 -14.42 14.08 10.10
CA LYS A 143 -14.40 13.98 10.10
C LYS A 143 -13.21 14.81 10.67
C LYS A 143 -13.21 14.75 10.66
N ALA A 144 -12.01 14.31 10.41
CA ALA A 144 -10.81 14.95 10.95
C ALA A 144 -9.65 15.24 9.99
N GLY A 145 -9.85 15.00 8.70
CA GLY A 145 -8.79 15.25 7.74
C GLY A 145 -8.83 16.64 7.14
N LYS A 146 -7.70 17.08 6.61
CA LYS A 146 -7.60 18.41 5.99
C LYS A 146 -8.46 18.43 4.74
N LYS A 147 -9.28 19.46 4.61
CA LYS A 147 -10.16 19.59 3.45
C LYS A 147 -9.37 20.02 2.23
N LEU A 148 -9.52 19.29 1.14
CA LEU A 148 -8.81 19.57 -0.10
C LEU A 148 -9.83 19.80 -1.22
N GLU A 149 -9.44 20.55 -2.23
CA GLU A 149 -10.33 20.78 -3.36
C GLU A 149 -9.57 20.53 -4.65
N TYR A 150 -10.18 19.76 -5.54
CA TYR A 150 -9.58 19.45 -6.83
C TYR A 150 -10.69 19.47 -7.87
N LYS A 151 -10.47 20.23 -8.94
CA LYS A 151 -11.43 20.37 -10.03
C LYS A 151 -12.86 20.59 -9.55
N GLY A 152 -13.03 21.45 -8.56
CA GLY A 152 -14.35 21.75 -8.05
C GLY A 152 -14.93 20.79 -7.03
N LYS A 153 -14.29 19.64 -6.83
CA LYS A 153 -14.80 18.67 -5.87
C LYS A 153 -14.00 18.66 -4.56
N ILE A 154 -14.65 18.25 -3.49
CA ILE A 154 -14.05 18.20 -2.17
C ILE A 154 -13.53 16.82 -1.78
N TYR A 155 -12.30 16.79 -1.28
CA TYR A 155 -11.65 15.56 -0.86
C TYR A 155 -11.08 15.81 0.52
N TYR A 156 -10.77 14.75 1.24
CA TYR A 156 -10.23 14.87 2.58
C TYR A 156 -8.96 14.04 2.76
N ALA A 157 -7.88 14.70 3.17
CA ALA A 157 -6.63 14.01 3.40
C ALA A 157 -6.81 13.13 4.62
N PHE A 158 -5.92 12.15 4.79
CA PHE A 158 -6.02 11.29 5.95
C PHE A 158 -5.65 12.15 7.17
N PRO A 159 -6.36 11.98 8.29
CA PRO A 159 -6.09 12.77 9.50
C PRO A 159 -4.71 12.54 10.15
N THR A 160 -4.24 13.55 10.87
CA THR A 160 -2.97 13.44 11.60
C THR A 160 -3.32 12.67 12.87
N VAL A 161 -2.31 12.11 13.54
CA VAL A 161 -2.60 11.38 14.77
C VAL A 161 -3.15 12.33 15.83
N ASP A 162 -2.77 13.60 15.75
CA ASP A 162 -3.23 14.59 16.71
C ASP A 162 -4.76 14.64 16.71
N LYS A 163 -5.34 14.74 15.52
CA LYS A 163 -6.78 14.78 15.38
C LYS A 163 -7.44 13.46 15.79
N LEU A 164 -6.89 12.35 15.30
CA LEU A 164 -7.45 11.04 15.59
C LEU A 164 -7.41 10.68 17.08
N HIS A 165 -6.42 11.21 17.80
CA HIS A 165 -6.29 10.94 19.23
C HIS A 165 -7.52 11.42 20.01
N GLU A 166 -8.24 12.40 19.45
CA GLU A 166 -9.43 12.94 20.09
C GLU A 166 -10.65 12.04 19.91
N PHE A 167 -10.55 11.08 18.99
CA PHE A 167 -11.64 10.15 18.72
C PHE A 167 -11.80 9.18 19.89
N THR A 168 -13.04 8.81 20.19
CA THR A 168 -13.30 7.82 21.24
C THR A 168 -13.52 6.51 20.47
N GLU A 169 -13.56 5.40 21.18
CA GLU A 169 -13.81 4.12 20.53
C GLU A 169 -15.14 4.21 19.78
N LYS A 170 -16.11 4.86 20.41
CA LYS A 170 -17.43 5.00 19.83
C LYS A 170 -17.39 5.77 18.52
N ASP A 171 -16.52 6.77 18.43
CA ASP A 171 -16.40 7.55 17.20
C ASP A 171 -15.96 6.66 16.03
N PHE A 172 -15.01 5.77 16.29
CA PHE A 172 -14.54 4.88 15.24
C PHE A 172 -15.66 3.93 14.83
N GLU A 173 -16.39 3.44 15.82
CA GLU A 173 -17.51 2.55 15.58
C GLU A 173 -18.50 3.24 14.65
N GLU A 174 -18.75 4.52 14.89
CA GLU A 174 -19.68 5.27 14.06
C GLU A 174 -19.13 5.56 12.66
N CYS A 175 -17.80 5.49 12.52
CA CYS A 175 -17.18 5.70 11.22
C CYS A 175 -17.20 4.37 10.45
N THR A 176 -17.73 3.35 11.12
CA THR A 176 -17.92 1.98 10.63
C THR A 176 -16.75 1.00 10.72
N ALA A 177 -15.94 1.12 11.77
CA ALA A 177 -14.81 0.22 11.97
C ALA A 177 -15.28 -1.10 12.60
N GLY A 178 -16.52 -1.12 13.08
CA GLY A 178 -17.05 -2.32 13.70
C GLY A 178 -16.25 -2.73 14.94
N PHE A 179 -15.99 -4.03 15.07
CA PHE A 179 -15.23 -4.56 16.20
C PHE A 179 -13.79 -4.06 16.19
N ARG A 180 -13.39 -3.41 15.10
CA ARG A 180 -12.02 -2.90 14.97
C ARG A 180 -11.85 -1.53 15.63
N ALA A 181 -12.96 -0.93 16.05
CA ALA A 181 -12.93 0.37 16.68
C ALA A 181 -12.00 0.42 17.87
N LYS A 182 -12.02 -0.63 18.69
CA LYS A 182 -11.16 -0.69 19.85
C LYS A 182 -9.70 -0.77 19.44
N TYR A 183 -9.42 -1.51 18.37
CA TYR A 183 -8.04 -1.64 17.90
C TYR A 183 -7.52 -0.29 17.43
N LEU A 184 -8.36 0.43 16.68
CA LEU A 184 -7.98 1.74 16.16
C LEU A 184 -7.73 2.75 17.27
N LYS A 185 -8.61 2.79 18.25
CA LYS A 185 -8.45 3.73 19.35
C LYS A 185 -7.15 3.46 20.08
N ASP A 186 -6.94 2.20 20.46
CA ASP A 186 -5.73 1.85 21.18
C ASP A 186 -4.47 2.19 20.38
N THR A 187 -4.47 1.81 19.11
CA THR A 187 -3.33 2.06 18.24
C THR A 187 -3.04 3.54 18.05
N VAL A 188 -4.08 4.33 17.82
CA VAL A 188 -3.90 5.76 17.66
C VAL A 188 -3.29 6.34 18.93
N ASP A 189 -3.78 5.92 20.09
CA ASP A 189 -3.25 6.42 21.36
C ASP A 189 -1.78 6.04 21.57
N ARG A 190 -1.37 4.83 21.18
CA ARG A 190 0.03 4.44 21.35
C ARG A 190 0.94 5.28 20.46
N ILE A 191 0.48 5.58 19.25
CA ILE A 191 1.27 6.38 18.33
C ILE A 191 1.39 7.80 18.90
N TYR A 192 0.25 8.35 19.31
CA TYR A 192 0.22 9.70 19.85
C TYR A 192 1.14 9.83 21.08
N ASN A 193 1.01 8.88 22.00
CA ASN A 193 1.81 8.91 23.23
C ASN A 193 3.26 8.48 23.05
N GLY A 194 3.61 8.06 21.84
CA GLY A 194 4.98 7.65 21.57
C GLY A 194 5.37 6.28 22.14
N GLU A 195 4.38 5.49 22.55
CA GLU A 195 4.66 4.18 23.11
C GLU A 195 5.33 3.29 22.07
N LEU A 196 4.95 3.47 20.80
CA LEU A 196 5.53 2.74 19.68
C LEU A 196 5.86 3.81 18.64
N ASN A 197 7.07 3.75 18.10
CA ASN A 197 7.58 4.72 17.13
C ASN A 197 7.67 4.13 15.71
N LEU A 198 6.79 4.57 14.81
CA LEU A 198 6.79 4.04 13.45
C LEU A 198 8.11 4.27 12.70
N GLU A 199 8.69 5.46 12.84
CA GLU A 199 9.94 5.71 12.15
C GLU A 199 11.03 4.78 12.69
N TYR A 200 10.99 4.53 13.99
CA TYR A 200 11.97 3.63 14.59
C TYR A 200 11.75 2.21 14.10
N ILE A 201 10.50 1.77 14.10
CA ILE A 201 10.17 0.43 13.65
C ILE A 201 10.56 0.24 12.18
N LYS A 202 10.35 1.27 11.37
CA LYS A 202 10.71 1.20 9.96
C LYS A 202 12.21 1.06 9.74
N SER A 203 13.01 1.51 10.71
CA SER A 203 14.46 1.43 10.58
C SER A 203 15.01 0.06 10.96
N LEU A 204 14.14 -0.83 11.42
CA LEU A 204 14.59 -2.16 11.82
C LEU A 204 14.62 -3.09 10.62
N ASN A 205 15.33 -4.20 10.76
N ASN A 205 15.38 -4.24 10.73
CA ASN A 205 15.41 -5.18 9.68
CA ASN A 205 15.43 -5.17 9.61
C ASN A 205 14.05 -5.86 9.56
C ASN A 205 14.08 -5.89 9.53
N ASP A 206 13.79 -6.46 8.40
CA ASP A 206 12.53 -7.13 8.15
C ASP A 206 11.90 -7.90 9.32
N ASN A 207 12.63 -8.88 9.85
CA ASN A 207 12.11 -9.69 10.95
C ASN A 207 11.85 -8.94 12.24
N GLU A 208 12.76 -8.07 12.65
CA GLU A 208 12.55 -7.32 13.88
C GLU A 208 11.42 -6.32 13.70
N CYS A 209 11.31 -5.77 12.49
CA CYS A 209 10.26 -4.82 12.18
C CYS A 209 8.91 -5.49 12.33
N HIS A 210 8.82 -6.72 11.82
CA HIS A 210 7.59 -7.52 11.87
C HIS A 210 7.15 -7.77 13.30
N GLU A 211 8.11 -8.07 14.18
CA GLU A 211 7.79 -8.35 15.57
C GLU A 211 7.27 -7.11 16.30
N GLU A 212 7.89 -5.96 16.07
CA GLU A 212 7.44 -4.74 16.72
C GLU A 212 6.03 -4.39 16.28
N LEU A 213 5.76 -4.51 14.98
CA LEU A 213 4.44 -4.20 14.42
C LEU A 213 3.33 -5.03 15.08
N LYS A 214 3.63 -6.29 15.38
CA LYS A 214 2.63 -7.16 15.99
C LYS A 214 2.28 -6.78 17.42
N LYS A 215 3.00 -5.82 17.99
CA LYS A 215 2.69 -5.37 19.35
C LYS A 215 1.42 -4.52 19.33
N PHE A 216 1.04 -4.01 18.16
CA PHE A 216 -0.15 -3.18 18.02
C PHE A 216 -1.41 -4.02 18.12
N GLY A 218 -4.78 -5.30 17.07
CA GLY A 218 -5.41 -5.34 15.77
C GLY A 218 -4.42 -5.66 14.67
N VAL A 219 -3.18 -5.99 15.05
CA VAL A 219 -2.15 -6.31 14.07
C VAL A 219 -1.51 -7.68 14.29
N GLY A 220 -1.89 -8.63 13.45
CA GLY A 220 -1.33 -9.96 13.52
C GLY A 220 -0.30 -10.10 12.41
N PRO A 221 0.23 -11.30 12.16
CA PRO A 221 1.23 -11.54 11.11
C PRO A 221 0.84 -10.95 9.75
N LYS A 222 -0.37 -11.27 9.31
CA LYS A 222 -0.90 -10.80 8.04
C LYS A 222 -0.85 -9.27 7.91
N VAL A 223 -1.53 -8.58 8.82
CA VAL A 223 -1.56 -7.12 8.79
C VAL A 223 -0.16 -6.53 8.93
N ALA A 224 0.66 -7.12 9.80
CA ALA A 224 2.02 -6.62 10.00
C ALA A 224 2.81 -6.69 8.68
N ASP A 225 2.65 -7.78 7.94
CA ASP A 225 3.36 -7.91 6.67
C ASP A 225 2.90 -6.86 5.66
N CYS A 226 1.61 -6.57 5.63
CA CYS A 226 1.10 -5.56 4.71
C CYS A 226 1.69 -4.20 5.06
N ILE A 227 1.63 -3.87 6.34
CA ILE A 227 2.16 -2.60 6.81
C ILE A 227 3.64 -2.41 6.47
N LEU A 229 5.46 -4.04 4.24
CA LEU A 229 5.74 -4.12 2.81
C LEU A 229 5.34 -2.83 2.10
N PHE A 230 4.12 -2.36 2.38
CA PHE A 230 3.60 -1.18 1.71
C PHE A 230 4.02 0.18 2.25
N SER A 231 4.54 0.23 3.47
CA SER A 231 4.94 1.53 4.01
C SER A 231 6.35 1.53 4.58
N GLN A 233 8.96 -0.75 3.12
CA GLN A 233 9.86 -1.41 2.17
C GLN A 233 10.59 -2.65 2.69
N LYS A 234 9.89 -3.48 3.48
CA LYS A 234 10.46 -4.72 4.00
C LYS A 234 9.95 -5.74 3.00
N TYR A 235 10.74 -5.96 1.97
CA TYR A 235 10.38 -6.83 0.88
C TYR A 235 10.34 -8.34 1.09
N SER A 236 10.74 -8.82 2.27
CA SER A 236 10.70 -10.26 2.54
C SER A 236 9.35 -10.61 3.16
N ALA A 237 8.45 -9.63 3.23
CA ALA A 237 7.12 -9.83 3.79
C ALA A 237 6.32 -10.78 2.91
N PHE A 238 5.37 -11.49 3.53
CA PHE A 238 4.52 -12.43 2.81
C PHE A 238 3.16 -12.51 3.52
N PRO A 239 2.26 -11.54 3.26
CA PRO A 239 0.93 -11.52 3.89
C PRO A 239 0.14 -12.80 3.62
N VAL A 240 -0.30 -13.45 4.68
CA VAL A 240 -1.05 -14.69 4.53
C VAL A 240 -2.43 -14.68 5.19
N ASP A 241 -3.45 -14.99 4.39
CA ASP A 241 -4.81 -15.08 4.89
C ASP A 241 -5.29 -16.47 4.46
N THR A 242 -6.57 -16.76 4.66
CA THR A 242 -7.12 -18.06 4.30
C THR A 242 -6.94 -18.36 2.81
N TRP A 243 -7.28 -17.40 1.96
CA TRP A 243 -7.16 -17.56 0.52
C TRP A 243 -5.71 -17.89 0.14
N VAL A 244 -4.77 -17.11 0.65
CA VAL A 244 -3.36 -17.35 0.34
C VAL A 244 -2.97 -18.78 0.72
N LYS A 245 -3.44 -19.24 1.88
CA LYS A 245 -3.11 -20.61 2.31
C LYS A 245 -3.61 -21.62 1.30
N LYS A 246 -4.86 -21.45 0.86
CA LYS A 246 -5.45 -22.36 -0.13
C LYS A 246 -4.66 -22.31 -1.43
N ALA A 247 -4.29 -21.10 -1.84
CA ALA A 247 -3.54 -20.92 -3.08
C ALA A 247 -2.20 -21.62 -3.00
N SER A 250 -2.45 -25.45 -3.04
CA SER A 250 -2.79 -25.84 -4.39
C SER A 250 -1.66 -25.68 -5.41
N LEU A 251 -1.08 -24.48 -5.47
CA LEU A 251 -0.04 -24.18 -6.43
C LEU A 251 1.38 -24.62 -6.07
N TYR A 252 1.71 -24.58 -4.78
CA TYR A 252 3.06 -24.98 -4.36
C TYR A 252 3.11 -26.16 -3.43
N VAL A 253 2.07 -26.98 -3.45
CA VAL A 253 1.97 -28.18 -2.62
C VAL A 253 2.32 -27.93 -1.15
N ALA A 254 1.82 -26.83 -0.61
CA ALA A 254 2.05 -26.49 0.78
C ALA A 254 1.17 -27.40 1.64
N PRO A 255 1.67 -27.83 2.80
CA PRO A 255 0.86 -28.70 3.65
C PRO A 255 -0.26 -27.91 4.32
N ASP A 256 -1.25 -28.62 4.85
CA ASP A 256 -2.38 -27.99 5.52
C ASP A 256 -1.95 -27.59 6.93
N VAL A 257 -1.34 -26.41 7.05
CA VAL A 257 -0.89 -25.94 8.34
C VAL A 257 -1.40 -24.56 8.70
N SER A 258 -0.93 -24.03 9.82
CA SER A 258 -1.35 -22.72 10.27
C SER A 258 -0.86 -21.63 9.34
N LEU A 259 -1.53 -20.49 9.35
CA LEU A 259 -1.13 -19.39 8.49
C LEU A 259 0.31 -18.99 8.81
N LYS A 260 0.69 -19.15 10.06
CA LYS A 260 2.05 -18.82 10.49
C LYS A 260 3.06 -19.73 9.80
N LYS A 261 2.72 -20.99 9.63
CA LYS A 261 3.61 -21.94 8.96
C LYS A 261 3.56 -21.74 7.45
N ILE A 262 2.41 -21.29 6.95
CA ILE A 262 2.28 -21.04 5.51
C ILE A 262 3.18 -19.84 5.19
N ARG A 263 3.25 -18.87 6.11
CA ARG A 263 4.10 -17.71 5.91
C ARG A 263 5.57 -18.14 5.82
N ASP A 264 6.00 -19.01 6.73
CA ASP A 264 7.38 -19.48 6.71
C ASP A 264 7.67 -20.24 5.42
N PHE A 265 6.70 -21.06 5.02
CA PHE A 265 6.82 -21.84 3.80
C PHE A 265 7.04 -20.90 2.61
N GLY A 266 6.18 -19.89 2.48
CA GLY A 266 6.30 -18.96 1.38
C GLY A 266 7.59 -18.15 1.38
N ARG A 267 7.99 -17.66 2.55
CA ARG A 267 9.21 -16.87 2.63
C ARG A 267 10.45 -17.70 2.35
N GLU A 268 10.40 -18.98 2.74
CA GLU A 268 11.52 -19.88 2.48
C GLU A 268 11.54 -20.12 0.97
N LYS A 269 10.34 -20.27 0.42
CA LYS A 269 10.17 -20.53 -1.01
C LYS A 269 10.64 -19.39 -1.93
N PHE A 270 10.24 -18.16 -1.61
CA PHE A 270 10.60 -17.02 -2.45
C PHE A 270 11.75 -16.14 -1.99
N GLY A 271 12.26 -16.42 -0.79
CA GLY A 271 13.38 -15.65 -0.29
C GLY A 271 13.14 -14.19 0.03
N SER A 272 14.20 -13.39 -0.11
CA SER A 272 14.16 -11.97 0.20
C SER A 272 13.22 -11.12 -0.66
N LEU A 273 12.75 -11.68 -1.78
CA LEU A 273 11.84 -10.93 -2.65
C LEU A 273 10.40 -11.41 -2.52
N SER A 274 10.08 -12.05 -1.39
N SER A 274 10.08 -12.11 -1.43
CA SER A 274 8.75 -12.57 -1.13
CA SER A 274 8.74 -12.65 -1.25
C SER A 274 7.64 -11.55 -1.30
C SER A 274 7.63 -11.60 -1.34
N GLY A 275 7.90 -10.32 -0.85
CA GLY A 275 6.91 -9.26 -0.96
C GLY A 275 6.50 -9.02 -2.40
N PHE A 276 7.49 -8.97 -3.30
CA PHE A 276 7.23 -8.77 -4.71
C PHE A 276 6.58 -10.02 -5.30
N ALA A 277 7.18 -11.18 -4.99
CA ALA A 277 6.69 -12.45 -5.49
C ALA A 277 5.19 -12.62 -5.28
N GLN A 278 4.72 -12.40 -4.06
CA GLN A 278 3.29 -12.58 -3.80
C GLN A 278 2.40 -11.53 -4.46
N GLN A 279 2.89 -10.32 -4.65
CA GLN A 279 2.06 -9.30 -5.28
C GLN A 279 1.81 -9.73 -6.73
N TYR A 280 2.85 -10.17 -7.41
CA TYR A 280 2.74 -10.63 -8.80
C TYR A 280 1.90 -11.89 -8.88
N LEU A 281 2.29 -12.90 -8.11
CA LEU A 281 1.61 -14.18 -8.09
C LEU A 281 0.11 -14.10 -7.89
N PHE A 282 -0.31 -13.43 -6.81
CA PHE A 282 -1.72 -13.32 -6.50
C PHE A 282 -2.49 -12.32 -7.34
N TYR A 283 -1.78 -11.56 -8.17
CA TYR A 283 -2.46 -10.63 -9.07
C TYR A 283 -2.83 -11.47 -10.27
N TYR A 284 -1.96 -12.44 -10.59
CA TYR A 284 -2.18 -13.35 -11.72
C TYR A 284 -3.25 -14.40 -11.38
N ALA A 285 -3.25 -14.87 -10.12
CA ALA A 285 -4.22 -15.88 -9.68
C ALA A 285 -5.67 -15.37 -9.64
#